data_2MFV
#
_entry.id   2MFV
#
_entity_poly.entity_id   1
_entity_poly.type   'polypeptide(L)'
_entity_poly.pdbx_seq_one_letter_code
;GGPLAGEEMGGITT
;
_entity_poly.pdbx_strand_id   A
#
# COMPACT_ATOMS: atom_id res chain seq x y z
N GLY A 1 -3.50 -2.62 1.06
CA GLY A 1 -3.37 -4.10 1.13
C GLY A 1 -1.95 -4.65 1.19
N GLY A 2 -0.82 -3.91 1.34
CA GLY A 2 0.54 -4.45 1.20
C GLY A 2 1.58 -3.61 1.93
N PRO A 3 2.87 -3.96 2.02
CA PRO A 3 3.85 -3.16 2.75
C PRO A 3 4.42 -1.96 2.00
N LEU A 4 3.55 -1.12 1.38
CA LEU A 4 4.01 0.02 0.57
C LEU A 4 2.85 1.06 0.57
N ALA A 5 2.72 1.98 -0.41
CA ALA A 5 1.72 3.03 -0.45
C ALA A 5 0.90 2.97 -1.74
N GLY A 6 -0.38 2.50 -1.62
CA GLY A 6 -1.31 2.34 -2.75
C GLY A 6 -2.81 2.38 -2.47
N GLU A 7 -3.27 1.80 -1.34
CA GLU A 7 -4.67 1.84 -0.91
C GLU A 7 -4.68 2.62 0.39
N GLU A 8 -5.87 2.84 0.97
CA GLU A 8 -5.95 3.58 2.23
C GLU A 8 -5.14 2.90 3.34
N MET A 9 -5.02 1.55 3.36
CA MET A 9 -4.39 0.85 4.48
C MET A 9 -3.04 0.25 4.09
N GLY A 10 -2.07 1.07 3.61
CA GLY A 10 -0.74 0.53 3.27
C GLY A 10 -0.86 -0.39 2.07
N GLY A 11 -0.37 -0.02 0.86
CA GLY A 11 -0.66 -0.80 -0.35
C GLY A 11 0.56 -1.53 -0.82
N ILE A 12 0.54 -2.22 -1.98
CA ILE A 12 1.76 -2.87 -2.46
C ILE A 12 2.49 -2.00 -3.47
N THR A 13 2.32 -0.65 -3.48
CA THR A 13 2.93 0.19 -4.51
C THR A 13 3.77 1.30 -3.89
N THR A 14 5.02 1.38 -4.30
CA THR A 14 5.94 2.38 -3.78
C THR A 14 5.73 3.73 -4.47
N GLY A 1 -3.40 -2.32 1.69
CA GLY A 1 -3.28 -3.77 1.57
C GLY A 1 -1.88 -4.43 1.51
N GLY A 2 -0.71 -3.76 1.54
CA GLY A 2 0.59 -4.34 1.35
C GLY A 2 1.67 -3.49 2.01
N PRO A 3 2.97 -3.89 2.06
CA PRO A 3 3.98 -3.07 2.75
C PRO A 3 4.51 -1.88 1.95
N LEU A 4 3.64 -1.09 1.28
CA LEU A 4 4.08 0.06 0.47
C LEU A 4 2.94 1.09 0.53
N ALA A 5 2.78 2.00 -0.47
CA ALA A 5 1.79 3.08 -0.50
C ALA A 5 0.95 3.00 -1.76
N GLY A 6 -0.18 2.28 -1.79
CA GLY A 6 -1.15 2.26 -2.88
C GLY A 6 -2.63 2.25 -2.49
N GLU A 7 -3.03 1.96 -1.23
CA GLU A 7 -4.42 1.93 -0.78
C GLU A 7 -4.47 2.77 0.47
N GLU A 8 -5.67 3.00 1.04
CA GLU A 8 -5.79 3.77 2.27
C GLU A 8 -4.97 3.16 3.38
N MET A 9 -4.90 1.80 3.49
CA MET A 9 -4.19 1.16 4.60
C MET A 9 -2.91 0.50 4.14
N GLY A 10 -1.91 1.31 3.71
CA GLY A 10 -0.61 0.73 3.39
C GLY A 10 -0.73 -0.28 2.28
N GLY A 11 -0.59 0.13 1.00
CA GLY A 11 -0.75 -0.77 -0.17
C GLY A 11 0.51 -1.43 -0.66
N ILE A 12 0.47 -2.17 -1.81
CA ILE A 12 1.67 -2.83 -2.32
C ILE A 12 2.35 -1.99 -3.40
N THR A 13 2.15 -0.65 -3.46
CA THR A 13 2.69 0.17 -4.53
C THR A 13 3.64 1.24 -4.00
N THR A 14 4.86 1.26 -4.51
CA THR A 14 5.86 2.23 -4.08
C THR A 14 5.68 3.56 -4.80
N GLY A 1 -3.45 -2.42 1.47
CA GLY A 1 -3.32 -3.87 1.29
C GLY A 1 -1.92 -4.51 1.24
N GLY A 2 -0.74 -3.84 1.36
CA GLY A 2 0.59 -4.44 1.19
C GLY A 2 1.63 -3.59 1.89
N PRO A 3 2.93 -3.98 1.96
CA PRO A 3 3.90 -3.18 2.70
C PRO A 3 4.45 -1.96 1.95
N LEU A 4 3.60 -1.14 1.28
CA LEU A 4 4.04 0.04 0.52
C LEU A 4 2.90 1.06 0.58
N ALA A 5 2.77 1.98 -0.40
CA ALA A 5 1.78 3.05 -0.43
C ALA A 5 0.97 3.01 -1.71
N GLY A 6 -0.15 2.28 -1.79
CA GLY A 6 -1.10 2.31 -2.92
C GLY A 6 -2.59 2.27 -2.56
N GLU A 7 -3.00 1.93 -1.33
CA GLU A 7 -4.43 1.88 -0.92
C GLU A 7 -4.51 2.68 0.36
N GLU A 8 -5.72 2.89 0.90
CA GLU A 8 -5.87 3.65 2.15
C GLU A 8 -5.08 3.00 3.27
N MET A 9 -4.99 1.66 3.32
CA MET A 9 -4.35 0.97 4.45
C MET A 9 -3.02 0.35 4.05
N GLY A 10 -2.03 1.16 3.64
CA GLY A 10 -0.70 0.61 3.34
C GLY A 10 -0.79 -0.38 2.20
N GLY A 11 -0.63 0.05 0.93
CA GLY A 11 -0.77 -0.82 -0.28
C GLY A 11 0.51 -1.45 -0.76
N ILE A 12 0.52 -2.17 -1.91
CA ILE A 12 1.75 -2.80 -2.41
C ILE A 12 2.43 -1.93 -3.44
N THR A 13 2.24 -0.58 -3.47
CA THR A 13 2.80 0.26 -4.51
C THR A 13 3.72 1.33 -3.93
N THR A 14 4.96 1.36 -4.40
CA THR A 14 5.94 2.32 -3.92
C THR A 14 5.82 3.66 -4.66
N GLY A 1 -3.44 -2.32 1.37
CA GLY A 1 -3.36 -3.76 1.18
C GLY A 1 -1.99 -4.41 1.24
N GLY A 2 -0.82 -3.71 1.15
CA GLY A 2 0.51 -4.34 1.10
C GLY A 2 1.54 -3.48 1.84
N PRO A 3 2.84 -3.87 1.95
CA PRO A 3 3.82 -3.05 2.66
C PRO A 3 4.37 -1.85 1.91
N LEU A 4 3.52 -1.07 1.22
CA LEU A 4 3.98 0.06 0.39
C LEU A 4 2.84 1.10 0.43
N ALA A 5 2.74 2.00 -0.57
CA ALA A 5 1.76 3.08 -0.62
C ALA A 5 0.91 2.99 -1.88
N GLY A 6 -0.32 2.47 -1.81
CA GLY A 6 -1.28 2.34 -2.93
C GLY A 6 -2.76 2.41 -2.59
N GLU A 7 -3.17 1.95 -1.38
CA GLU A 7 -4.56 1.98 -0.92
C GLU A 7 -4.53 2.83 0.33
N GLU A 8 -5.71 3.02 0.94
CA GLU A 8 -5.81 3.79 2.18
C GLU A 8 -5.06 3.13 3.32
N MET A 9 -4.95 1.77 3.34
CA MET A 9 -4.30 1.07 4.46
C MET A 9 -2.99 0.46 4.02
N GLY A 10 -2.03 1.28 3.53
CA GLY A 10 -0.70 0.75 3.20
C GLY A 10 -0.79 -0.22 2.03
N GLY A 11 -0.49 0.20 0.79
CA GLY A 11 -0.71 -0.60 -0.42
C GLY A 11 0.49 -1.39 -0.84
N ILE A 12 0.46 -2.14 -1.98
CA ILE A 12 1.68 -2.83 -2.44
C ILE A 12 2.39 -2.03 -3.52
N THR A 13 2.23 -0.68 -3.57
CA THR A 13 2.83 0.11 -4.63
C THR A 13 3.70 1.23 -4.05
N THR A 14 4.96 1.27 -4.48
CA THR A 14 5.90 2.28 -4.00
C THR A 14 5.69 3.61 -4.73
N GLY A 1 -3.53 -2.30 1.42
CA GLY A 1 -3.41 -3.77 1.37
C GLY A 1 -2.03 -4.42 1.39
N GLY A 2 -0.85 -3.72 1.37
CA GLY A 2 0.47 -4.36 1.29
C GLY A 2 1.56 -3.53 1.97
N PRO A 3 2.86 -3.90 2.05
CA PRO A 3 3.83 -3.09 2.76
C PRO A 3 4.40 -1.91 1.98
N LEU A 4 3.54 -1.08 1.36
CA LEU A 4 3.99 0.04 0.51
C LEU A 4 2.87 1.09 0.51
N ALA A 5 2.75 2.01 -0.47
CA ALA A 5 1.76 3.09 -0.53
C ALA A 5 0.93 3.01 -1.79
N GLY A 6 -0.36 2.55 -1.68
CA GLY A 6 -1.30 2.39 -2.78
C GLY A 6 -2.79 2.44 -2.45
N GLU A 7 -3.25 1.90 -1.29
CA GLU A 7 -4.63 1.98 -0.85
C GLU A 7 -4.60 2.79 0.43
N GLU A 8 -5.79 3.05 1.02
CA GLU A 8 -5.88 3.80 2.25
C GLU A 8 -5.06 3.15 3.36
N MET A 9 -4.96 1.80 3.39
CA MET A 9 -4.29 1.12 4.50
C MET A 9 -2.97 0.48 4.07
N GLY A 10 -1.99 1.29 3.60
CA GLY A 10 -0.67 0.73 3.30
C GLY A 10 -0.79 -0.23 2.12
N GLY A 11 -0.39 0.16 0.89
CA GLY A 11 -0.66 -0.65 -0.30
C GLY A 11 0.52 -1.45 -0.74
N ILE A 12 0.47 -2.15 -1.91
CA ILE A 12 1.66 -2.85 -2.40
C ILE A 12 2.40 -2.03 -3.44
N THR A 13 2.24 -0.68 -3.49
CA THR A 13 2.84 0.13 -4.54
C THR A 13 3.72 1.23 -3.96
N THR A 14 4.97 1.28 -4.39
CA THR A 14 5.91 2.28 -3.91
C THR A 14 5.74 3.60 -4.67
N GLY A 1 -3.40 -2.47 1.45
CA GLY A 1 -3.23 -3.92 1.62
C GLY A 1 -1.80 -4.52 1.52
N GLY A 2 -0.64 -3.80 1.71
CA GLY A 2 0.69 -4.37 1.46
C GLY A 2 1.77 -3.48 2.02
N PRO A 3 3.08 -3.84 2.04
CA PRO A 3 4.09 -3.01 2.66
C PRO A 3 4.60 -1.85 1.82
N LEU A 4 3.71 -1.02 1.22
CA LEU A 4 4.12 0.09 0.35
C LEU A 4 2.97 1.12 0.40
N ALA A 5 2.78 2.02 -0.61
CA ALA A 5 1.78 3.08 -0.63
C ALA A 5 0.90 2.98 -1.87
N GLY A 6 -0.25 2.28 -1.83
CA GLY A 6 -1.27 2.30 -2.89
C GLY A 6 -2.75 2.26 -2.48
N GLU A 7 -3.12 1.91 -1.22
CA GLU A 7 -4.51 1.88 -0.75
C GLU A 7 -4.50 2.71 0.53
N GLU A 8 -5.68 2.95 1.14
CA GLU A 8 -5.74 3.79 2.33
C GLU A 8 -4.93 3.18 3.46
N MET A 9 -4.80 1.83 3.56
CA MET A 9 -4.08 1.21 4.69
C MET A 9 -2.79 0.56 4.24
N GLY A 10 -1.80 1.33 3.74
CA GLY A 10 -0.49 0.74 3.40
C GLY A 10 -0.67 -0.31 2.32
N GLY A 11 -0.46 0.01 1.01
CA GLY A 11 -0.72 -0.89 -0.14
C GLY A 11 0.52 -1.53 -0.71
N ILE A 12 0.45 -2.26 -1.85
CA ILE A 12 1.64 -2.89 -2.40
C ILE A 12 2.28 -2.02 -3.49
N THR A 13 2.10 -0.67 -3.54
CA THR A 13 2.61 0.13 -4.64
C THR A 13 3.55 1.21 -4.14
N THR A 14 4.77 1.24 -4.69
CA THR A 14 5.76 2.23 -4.30
C THR A 14 5.60 3.51 -5.10
N GLY A 1 -3.50 -2.65 1.15
CA GLY A 1 -3.32 -4.10 1.27
C GLY A 1 -1.89 -4.69 1.22
N GLY A 2 -0.74 -3.97 1.48
CA GLY A 2 0.61 -4.50 1.26
C GLY A 2 1.66 -3.63 1.90
N PRO A 3 2.96 -3.97 1.95
CA PRO A 3 3.93 -3.15 2.65
C PRO A 3 4.49 -1.96 1.86
N LEU A 4 3.62 -1.12 1.25
CA LEU A 4 4.05 0.04 0.44
C LEU A 4 2.88 1.05 0.48
N ALA A 5 2.70 1.96 -0.50
CA ALA A 5 1.70 3.01 -0.53
C ALA A 5 0.87 2.96 -1.81
N GLY A 6 -0.26 2.21 -1.86
CA GLY A 6 -1.23 2.23 -2.96
C GLY A 6 -2.72 2.17 -2.61
N GLU A 7 -3.15 1.82 -1.38
CA GLU A 7 -4.56 1.77 -0.96
C GLU A 7 -4.63 2.55 0.33
N GLU A 8 -5.84 2.79 0.88
CA GLU A 8 -5.96 3.55 2.12
C GLU A 8 -5.13 2.91 3.23
N MET A 9 -5.02 1.56 3.32
CA MET A 9 -4.35 0.91 4.45
C MET A 9 -3.03 0.28 4.05
N GLY A 10 -2.03 1.09 3.62
CA GLY A 10 -0.71 0.53 3.32
C GLY A 10 -0.83 -0.49 2.20
N GLY A 11 -0.57 -0.13 0.91
CA GLY A 11 -0.77 -0.99 -0.29
C GLY A 11 0.50 -1.59 -0.81
N ILE A 12 0.50 -2.30 -1.97
CA ILE A 12 1.74 -2.89 -2.49
C ILE A 12 2.39 -1.99 -3.53
N THR A 13 2.18 -0.64 -3.55
CA THR A 13 2.72 0.21 -4.60
C THR A 13 3.63 1.29 -4.03
N THR A 14 4.87 1.34 -4.52
CA THR A 14 5.84 2.32 -4.05
C THR A 14 5.66 3.66 -4.77
N GLY A 1 -3.57 -2.65 1.04
CA GLY A 1 -3.40 -4.10 1.15
C GLY A 1 -1.96 -4.69 1.13
N GLY A 2 -0.83 -3.96 1.44
CA GLY A 2 0.54 -4.51 1.25
C GLY A 2 1.56 -3.64 1.93
N PRO A 3 2.86 -3.99 2.03
CA PRO A 3 3.82 -3.18 2.76
C PRO A 3 4.39 -1.98 2.01
N LEU A 4 3.54 -1.13 1.37
CA LEU A 4 4.00 0.03 0.59
C LEU A 4 2.84 1.05 0.60
N ALA A 5 2.69 1.97 -0.38
CA ALA A 5 1.69 3.03 -0.42
C ALA A 5 0.90 2.98 -1.73
N GLY A 6 -0.23 2.24 -1.81
CA GLY A 6 -1.17 2.27 -2.95
C GLY A 6 -2.67 2.20 -2.64
N GLU A 7 -3.13 1.85 -1.41
CA GLU A 7 -4.56 1.80 -1.03
C GLU A 7 -4.66 2.56 0.26
N GLU A 8 -5.87 2.78 0.80
CA GLU A 8 -6.03 3.57 2.02
C GLU A 8 -5.31 2.90 3.18
N MET A 9 -5.17 1.56 3.23
CA MET A 9 -4.53 0.88 4.38
C MET A 9 -3.21 0.27 3.99
N GLY A 10 -2.18 1.06 3.60
CA GLY A 10 -0.86 0.50 3.33
C GLY A 10 -0.94 -0.50 2.20
N GLY A 11 -0.64 -0.13 0.92
CA GLY A 11 -0.79 -0.99 -0.29
C GLY A 11 0.49 -1.57 -0.78
N ILE A 12 0.52 -2.27 -1.95
CA ILE A 12 1.77 -2.85 -2.44
C ILE A 12 2.45 -1.95 -3.45
N THR A 13 2.25 -0.60 -3.46
CA THR A 13 2.83 0.27 -4.48
C THR A 13 3.73 1.33 -3.88
N THR A 14 4.97 1.39 -4.33
CA THR A 14 5.93 2.36 -3.83
C THR A 14 5.83 3.67 -4.59
N GLY A 1 -3.55 -2.50 1.11
CA GLY A 1 -3.40 -3.96 1.26
C GLY A 1 -1.97 -4.57 1.21
N GLY A 2 -0.82 -3.86 1.49
CA GLY A 2 0.53 -4.43 1.28
C GLY A 2 1.58 -3.56 1.91
N PRO A 3 2.89 -3.94 1.98
CA PRO A 3 3.88 -3.13 2.67
C PRO A 3 4.46 -1.96 1.87
N LEU A 4 3.60 -1.11 1.25
CA LEU A 4 4.06 0.03 0.44
C LEU A 4 2.91 1.07 0.46
N ALA A 5 2.75 1.99 -0.52
CA ALA A 5 1.76 3.05 -0.57
C ALA A 5 0.95 2.99 -1.86
N GLY A 6 -0.22 2.30 -1.89
CA GLY A 6 -1.19 2.33 -3.00
C GLY A 6 -2.67 2.31 -2.65
N GLU A 7 -3.11 1.94 -1.42
CA GLU A 7 -4.52 1.91 -1.03
C GLU A 7 -4.57 2.72 0.27
N GLU A 8 -5.78 2.96 0.81
CA GLU A 8 -5.90 3.75 2.03
C GLU A 8 -5.11 3.10 3.16
N MET A 9 -5.02 1.75 3.26
CA MET A 9 -4.36 1.11 4.40
C MET A 9 -3.05 0.44 4.01
N GLY A 10 -2.03 1.22 3.58
CA GLY A 10 -0.72 0.64 3.29
C GLY A 10 -0.85 -0.39 2.17
N GLY A 11 -0.57 -0.03 0.88
CA GLY A 11 -0.77 -0.90 -0.30
C GLY A 11 0.48 -1.53 -0.83
N ILE A 12 0.46 -2.24 -1.98
CA ILE A 12 1.69 -2.87 -2.48
C ILE A 12 2.37 -1.99 -3.53
N THR A 13 2.19 -0.64 -3.56
CA THR A 13 2.76 0.19 -4.61
C THR A 13 3.68 1.26 -4.05
N THR A 14 4.92 1.29 -4.53
CA THR A 14 5.91 2.24 -4.07
C THR A 14 5.70 3.60 -4.75
N GLY A 1 -3.36 -2.53 1.27
CA GLY A 1 -3.24 -3.98 1.37
C GLY A 1 -1.83 -4.58 1.32
N GLY A 2 -0.70 -3.86 1.47
CA GLY A 2 0.66 -4.38 1.23
C GLY A 2 1.71 -3.52 1.89
N PRO A 3 3.01 -3.89 1.94
CA PRO A 3 4.02 -3.08 2.62
C PRO A 3 4.54 -1.87 1.85
N LEU A 4 3.67 -1.07 1.19
CA LEU A 4 4.10 0.07 0.36
C LEU A 4 2.94 1.09 0.43
N ALA A 5 2.77 2.00 -0.56
CA ALA A 5 1.76 3.06 -0.59
C ALA A 5 0.91 2.98 -1.85
N GLY A 6 -0.23 2.26 -1.87
CA GLY A 6 -1.20 2.24 -2.97
C GLY A 6 -2.68 2.22 -2.57
N GLU A 7 -3.07 1.87 -1.32
CA GLU A 7 -4.48 1.83 -0.89
C GLU A 7 -4.50 2.66 0.37
N GLU A 8 -5.68 2.85 0.98
CA GLU A 8 -5.79 3.65 2.19
C GLU A 8 -5.01 3.01 3.33
N MET A 9 -4.90 1.66 3.42
CA MET A 9 -4.19 1.02 4.54
C MET A 9 -2.89 0.40 4.10
N GLY A 10 -1.89 1.20 3.62
CA GLY A 10 -0.58 0.64 3.30
C GLY A 10 -0.74 -0.36 2.18
N GLY A 11 -0.51 0.00 0.89
CA GLY A 11 -0.72 -0.87 -0.29
C GLY A 11 0.54 -1.50 -0.80
N ILE A 12 0.51 -2.23 -1.94
CA ILE A 12 1.74 -2.86 -2.47
C ILE A 12 2.37 -1.99 -3.54
N THR A 13 2.17 -0.63 -3.57
CA THR A 13 2.70 0.20 -4.65
C THR A 13 3.63 1.28 -4.10
N THR A 14 4.85 1.31 -4.62
CA THR A 14 5.83 2.30 -4.18
C THR A 14 5.65 3.62 -4.92
N GLY A 1 -3.50 -2.37 1.39
CA GLY A 1 -3.37 -3.83 1.31
C GLY A 1 -1.97 -4.46 1.35
N GLY A 2 -0.82 -3.74 1.31
CA GLY A 2 0.51 -4.37 1.22
C GLY A 2 1.54 -3.52 1.91
N PRO A 3 2.83 -3.90 2.01
CA PRO A 3 3.82 -3.08 2.72
C PRO A 3 4.37 -1.91 1.93
N LEU A 4 3.51 -1.13 1.25
CA LEU A 4 3.96 0.00 0.43
C LEU A 4 2.85 1.06 0.43
N ALA A 5 2.74 1.97 -0.59
CA ALA A 5 1.76 3.05 -0.66
C ALA A 5 0.91 2.94 -1.92
N GLY A 6 -0.33 2.46 -1.79
CA GLY A 6 -1.27 2.31 -2.91
C GLY A 6 -2.75 2.35 -2.58
N GLU A 7 -3.19 1.84 -1.41
CA GLU A 7 -4.57 1.92 -0.94
C GLU A 7 -4.58 2.77 0.32
N GLU A 8 -5.77 3.02 0.90
CA GLU A 8 -5.83 3.81 2.12
C GLU A 8 -5.04 3.15 3.25
N MET A 9 -4.95 1.80 3.29
CA MET A 9 -4.31 1.11 4.41
C MET A 9 -2.99 0.48 4.03
N GLY A 10 -2.02 1.28 3.53
CA GLY A 10 -0.70 0.72 3.19
C GLY A 10 -0.80 -0.25 2.05
N GLY A 11 -0.45 0.16 0.81
CA GLY A 11 -0.67 -0.67 -0.39
C GLY A 11 0.52 -1.47 -0.81
N ILE A 12 0.47 -2.20 -1.94
CA ILE A 12 1.68 -2.91 -2.42
C ILE A 12 2.40 -2.09 -3.50
N THR A 13 2.23 -0.75 -3.58
CA THR A 13 2.83 0.04 -4.64
C THR A 13 3.70 1.16 -4.08
N THR A 14 4.94 1.24 -4.56
CA THR A 14 5.86 2.27 -4.10
C THR A 14 5.59 3.60 -4.79
N GLY A 1 -3.46 -2.59 1.20
CA GLY A 1 -3.29 -4.03 1.34
C GLY A 1 -1.86 -4.63 1.29
N GLY A 2 -0.70 -3.91 1.52
CA GLY A 2 0.65 -4.46 1.29
C GLY A 2 1.70 -3.58 1.91
N PRO A 3 3.00 -3.93 1.95
CA PRO A 3 3.99 -3.11 2.63
C PRO A 3 4.54 -1.94 1.83
N LEU A 4 3.66 -1.10 1.22
CA LEU A 4 4.09 0.05 0.40
C LEU A 4 2.93 1.07 0.44
N ALA A 5 2.74 1.98 -0.55
CA ALA A 5 1.74 3.04 -0.58
C ALA A 5 0.90 2.97 -1.85
N GLY A 6 -0.23 2.23 -1.88
CA GLY A 6 -1.22 2.25 -2.98
C GLY A 6 -2.70 2.20 -2.61
N GLU A 7 -3.11 1.85 -1.36
CA GLU A 7 -4.53 1.81 -0.94
C GLU A 7 -4.58 2.61 0.34
N GLU A 8 -5.78 2.85 0.89
CA GLU A 8 -5.88 3.62 2.13
C GLU A 8 -5.05 2.98 3.22
N MET A 9 -4.94 1.64 3.32
CA MET A 9 -4.25 1.00 4.46
C MET A 9 -2.94 0.37 4.07
N GLY A 10 -1.93 1.15 3.61
CA GLY A 10 -0.61 0.59 3.31
C GLY A 10 -0.76 -0.43 2.21
N GLY A 11 -0.53 -0.08 0.91
CA GLY A 11 -0.73 -0.96 -0.27
C GLY A 11 0.53 -1.56 -0.80
N ILE A 12 0.51 -2.29 -1.95
CA ILE A 12 1.73 -2.89 -2.48
C ILE A 12 2.38 -2.00 -3.54
N THR A 13 2.19 -0.65 -3.57
CA THR A 13 2.71 0.18 -4.63
C THR A 13 3.63 1.27 -4.08
N THR A 14 4.87 1.30 -4.58
CA THR A 14 5.85 2.28 -4.13
C THR A 14 5.64 3.62 -4.83
N GLY A 1 -3.42 -2.53 1.21
CA GLY A 1 -3.31 -3.98 1.30
C GLY A 1 -1.89 -4.60 1.28
N GLY A 2 -0.75 -3.88 1.46
CA GLY A 2 0.60 -4.41 1.24
C GLY A 2 1.64 -3.57 1.93
N PRO A 3 2.94 -3.95 2.01
CA PRO A 3 3.93 -3.14 2.72
C PRO A 3 4.49 -1.94 1.96
N LEU A 4 3.64 -1.12 1.30
CA LEU A 4 4.09 0.04 0.51
C LEU A 4 2.95 1.06 0.56
N ALA A 5 2.78 1.98 -0.42
CA ALA A 5 1.79 3.05 -0.45
C ALA A 5 0.97 3.00 -1.74
N GLY A 6 -0.17 2.28 -1.80
CA GLY A 6 -1.13 2.28 -2.92
C GLY A 6 -2.61 2.26 -2.56
N GLU A 7 -3.03 1.90 -1.33
CA GLU A 7 -4.45 1.87 -0.92
C GLU A 7 -4.51 2.68 0.35
N GLU A 8 -5.71 2.88 0.91
CA GLU A 8 -5.85 3.65 2.15
C GLU A 8 -5.05 3.02 3.27
N MET A 9 -4.94 1.66 3.37
CA MET A 9 -4.30 1.00 4.51
C MET A 9 -2.98 0.38 4.10
N GLY A 10 -1.98 1.17 3.67
CA GLY A 10 -0.66 0.60 3.35
C GLY A 10 -0.80 -0.38 2.21
N GLY A 11 -0.54 -0.02 0.93
CA GLY A 11 -0.72 -0.87 -0.27
C GLY A 11 0.56 -1.49 -0.74
N ILE A 12 0.56 -2.21 -1.90
CA ILE A 12 1.78 -2.83 -2.41
C ILE A 12 2.45 -1.96 -3.46
N THR A 13 2.24 -0.62 -3.47
CA THR A 13 2.80 0.23 -4.53
C THR A 13 3.72 1.30 -3.94
N THR A 14 4.96 1.33 -4.43
CA THR A 14 5.94 2.30 -3.96
C THR A 14 5.73 3.66 -4.62
N GLY A 1 -3.51 -2.36 1.19
CA GLY A 1 -3.40 -3.83 1.18
C GLY A 1 -2.00 -4.43 1.29
N GLY A 2 -0.87 -3.68 1.28
CA GLY A 2 0.47 -4.25 1.19
C GLY A 2 1.49 -3.41 1.93
N PRO A 3 2.79 -3.82 2.05
CA PRO A 3 3.78 -3.02 2.77
C PRO A 3 4.36 -1.82 2.02
N LEU A 4 3.52 -1.03 1.33
CA LEU A 4 3.99 0.08 0.50
C LEU A 4 2.86 1.13 0.52
N ALA A 5 2.76 2.02 -0.49
CA ALA A 5 1.79 3.11 -0.55
C ALA A 5 0.95 3.02 -1.82
N GLY A 6 -0.29 2.51 -1.75
CA GLY A 6 -1.22 2.37 -2.87
C GLY A 6 -2.72 2.45 -2.56
N GLU A 7 -3.16 1.97 -1.38
CA GLU A 7 -4.55 2.03 -0.96
C GLU A 7 -4.53 2.88 0.30
N GLU A 8 -5.72 3.06 0.91
CA GLU A 8 -5.81 3.85 2.13
C GLU A 8 -5.08 3.19 3.28
N MET A 9 -4.97 1.84 3.32
CA MET A 9 -4.34 1.15 4.46
C MET A 9 -3.02 0.52 4.05
N GLY A 10 -2.05 1.32 3.56
CA GLY A 10 -0.73 0.77 3.23
C GLY A 10 -0.86 -0.19 2.06
N GLY A 11 -0.46 0.19 0.83
CA GLY A 11 -0.69 -0.62 -0.38
C GLY A 11 0.52 -1.38 -0.79
N ILE A 12 0.50 -2.12 -1.92
CA ILE A 12 1.72 -2.82 -2.38
C ILE A 12 2.46 -2.01 -3.43
N THR A 13 2.29 -0.66 -3.49
CA THR A 13 2.91 0.13 -4.54
C THR A 13 3.78 1.24 -3.95
N THR A 14 5.04 1.28 -4.37
CA THR A 14 5.97 2.29 -3.88
C THR A 14 5.87 3.57 -4.70
N GLY A 1 -3.41 -2.64 1.22
CA GLY A 1 -3.24 -4.08 1.29
C GLY A 1 -1.82 -4.64 1.30
N GLY A 2 -0.71 -3.87 1.32
CA GLY A 2 0.64 -4.40 1.19
C GLY A 2 1.66 -3.53 1.89
N PRO A 3 2.98 -3.89 1.95
CA PRO A 3 3.97 -3.08 2.65
C PRO A 3 4.49 -1.90 1.86
N LEU A 4 3.60 -1.10 1.21
CA LEU A 4 4.01 0.04 0.38
C LEU A 4 2.86 1.07 0.43
N ALA A 5 2.70 1.99 -0.56
CA ALA A 5 1.70 3.04 -0.59
C ALA A 5 0.84 2.93 -1.84
N GLY A 6 -0.40 2.40 -1.70
CA GLY A 6 -1.37 2.25 -2.80
C GLY A 6 -2.84 2.28 -2.43
N GLU A 7 -3.25 1.75 -1.26
CA GLU A 7 -4.63 1.76 -0.80
C GLU A 7 -4.62 2.57 0.47
N GLU A 8 -5.79 2.78 1.11
CA GLU A 8 -5.88 3.53 2.33
C GLU A 8 -5.07 2.89 3.44
N MET A 9 -4.92 1.53 3.46
CA MET A 9 -4.22 0.86 4.56
C MET A 9 -2.90 0.27 4.13
N GLY A 10 -1.96 1.09 3.62
CA GLY A 10 -0.65 0.57 3.23
C GLY A 10 -0.79 -0.38 2.07
N GLY A 11 -0.39 0.01 0.84
CA GLY A 11 -0.65 -0.80 -0.36
C GLY A 11 0.56 -1.52 -0.82
N ILE A 12 0.54 -2.23 -1.98
CA ILE A 12 1.74 -2.89 -2.49
C ILE A 12 2.42 -2.03 -3.54
N THR A 13 2.22 -0.69 -3.58
CA THR A 13 2.79 0.14 -4.64
C THR A 13 3.63 1.26 -4.06
N THR A 14 4.89 1.34 -4.52
CA THR A 14 5.81 2.38 -4.05
C THR A 14 5.55 3.70 -4.75
#